data_2XO1
#
_entry.id   2XO1
#
_cell.length_a   132.762
_cell.length_b   35.180
_cell.length_c   41.736
_cell.angle_alpha   90.00
_cell.angle_beta   90.51
_cell.angle_gamma   90.00
#
_symmetry.space_group_name_H-M   'C 1 2 1'
#
loop_
_entity.id
_entity.type
_entity.pdbx_description
1 polymer 'Guanine riboswitch'
2 non-polymer N-METHYL-9H-PURIN-6-AMINE
3 non-polymer 'COBALT HEXAMMINE(III)'
4 non-polymer 'ACETATE ION'
5 non-polymer 'POTASSIUM ION'
6 water water
#
_entity_poly.entity_id   1
_entity_poly.type   'polyribonucleotide'
_entity_poly.pdbx_seq_one_letter_code
;GAACAUAUAAUCGCGUGGAUAUGGCACGCAAGUUUCUACCGGGCACCGUAAAUGUCCGAUUAUGUCC
;
_entity_poly.pdbx_strand_id   A
#